data_1KB2
#
_entry.id   1KB2
#
_cell.length_a   62.14
_cell.length_b   62.14
_cell.length_c   241.75
_cell.angle_alpha   90.00
_cell.angle_beta   90.00
_cell.angle_gamma   90.00
#
_symmetry.space_group_name_H-M   'P 43 21 2'
#
loop_
_entity.id
_entity.type
_entity.pdbx_description
1 polymer "5'-D(*CP*AP*CP*GP*GP*TP*TP*CP*AP*CP*GP*AP*GP*GP*TP*TP*CP*A)-3'"
2 polymer "5'-D(*TP*GP*AP*AP*CP*CP*TP*CP*GP*TP*GP*AP*AP*CP*CP*GP*TP*G)-3'"
3 polymer 'Vitamin D3 Receptor'
4 non-polymer 'ZINC ION'
5 water water
#
loop_
_entity_poly.entity_id
_entity_poly.type
_entity_poly.pdbx_seq_one_letter_code
_entity_poly.pdbx_strand_id
1 'polydeoxyribonucleotide' (DC)(DA)(DC)(DG)(DG)(DT)(DT)(DC)(DA)(DC)(DG)(DA)(DG)(DG)(DT)(DT)(DC)(DA) C
2 'polydeoxyribonucleotide' (DT)(DG)(DA)(DA)(DC)(DC)(DT)(DC)(DG)(DT)(DG)(DA)(DA)(DC)(DC)(DG)(DT)(DG) D
3 'polypeptide(L)'
;FDRNVPRICGVCGDRATGFHFNAMTCEGCKGFFRRSMKRKALFTCPFNGDCRITKDNRRHCQACRLKRCVDIGMMKEFIL
TDEEVQRKREMILKRKEEEALKDSLRPKLS
;
A,B
#
loop_
_chem_comp.id
_chem_comp.type
_chem_comp.name
_chem_comp.formula
DA DNA linking 2'-DEOXYADENOSINE-5'-MONOPHOSPHATE 'C10 H14 N5 O6 P'
DC DNA linking 2'-DEOXYCYTIDINE-5'-MONOPHOSPHATE 'C9 H14 N3 O7 P'
DG DNA linking 2'-DEOXYGUANOSINE-5'-MONOPHOSPHATE 'C10 H14 N5 O7 P'
DT DNA linking THYMIDINE-5'-MONOPHOSPHATE 'C10 H15 N2 O8 P'
ZN non-polymer 'ZINC ION' 'Zn 2'
#
# COMPACT_ATOMS: atom_id res chain seq x y z
N ARG C 7 11.30 -22.75 -0.84
CA ARG C 7 12.21 -21.89 -0.01
C ARG C 7 11.69 -20.48 0.26
N ILE C 8 12.56 -19.47 0.16
CA ILE C 8 12.12 -18.11 0.42
C ILE C 8 11.89 -17.29 -0.85
N CYS C 9 10.92 -16.41 -0.78
CA CYS C 9 10.59 -15.53 -1.91
C CYS C 9 11.72 -14.52 -2.08
N GLY C 10 12.25 -14.42 -3.28
CA GLY C 10 13.33 -13.50 -3.51
C GLY C 10 12.89 -12.06 -3.60
N VAL C 11 11.60 -11.80 -3.43
CA VAL C 11 11.15 -10.43 -3.50
C VAL C 11 10.78 -9.97 -2.10
N CYS C 12 9.95 -10.75 -1.40
CA CYS C 12 9.53 -10.31 -0.09
C CYS C 12 10.01 -11.09 1.12
N GLY C 13 10.69 -12.19 0.87
CA GLY C 13 11.21 -13.00 1.96
C GLY C 13 10.27 -14.10 2.40
N ASP C 14 9.01 -13.88 2.10
CA ASP C 14 7.99 -14.84 2.44
C ASP C 14 8.25 -16.26 1.88
N ARG C 15 7.48 -17.21 2.36
CA ARG C 15 7.66 -18.59 1.93
C ARG C 15 7.36 -18.75 0.46
N ALA C 16 8.39 -19.07 -0.31
CA ALA C 16 8.25 -19.30 -1.73
C ALA C 16 7.43 -20.58 -1.92
N THR C 17 6.90 -20.79 -3.12
CA THR C 17 6.09 -21.98 -3.43
C THR C 17 6.58 -22.70 -4.68
N GLY C 18 7.72 -22.26 -5.21
CA GLY C 18 8.31 -22.83 -6.41
C GLY C 18 8.75 -21.72 -7.34
N PHE C 19 9.03 -21.99 -8.61
CA PHE C 19 9.40 -20.91 -9.51
C PHE C 19 8.17 -20.30 -10.16
N HIS C 20 8.28 -19.04 -10.51
CA HIS C 20 7.17 -18.37 -11.14
C HIS C 20 7.76 -17.33 -12.04
N PHE C 21 7.45 -17.40 -13.32
CA PHE C 21 7.99 -16.43 -14.22
C PHE C 21 9.50 -16.42 -14.17
N ASN C 22 10.08 -17.56 -13.76
CA ASN C 22 11.52 -17.72 -13.73
C ASN C 22 12.31 -17.23 -12.51
N ALA C 23 11.66 -17.15 -11.37
CA ALA C 23 12.34 -16.77 -10.13
C ALA C 23 11.54 -17.36 -8.96
N MET C 24 12.26 -17.80 -7.92
CA MET C 24 11.67 -18.40 -6.73
C MET C 24 10.86 -17.32 -6.05
N THR C 25 9.54 -17.48 -5.91
CA THR C 25 8.74 -16.42 -5.30
C THR C 25 7.56 -16.98 -4.52
N CYS C 26 6.85 -16.13 -3.77
CA CYS C 26 5.69 -16.58 -3.00
C CYS C 26 4.49 -16.44 -3.92
N GLU C 27 3.27 -16.76 -3.49
CA GLU C 27 2.10 -16.62 -4.35
C GLU C 27 1.66 -15.21 -4.53
N GLY C 28 1.94 -14.34 -3.57
CA GLY C 28 1.52 -12.96 -3.70
C GLY C 28 2.31 -12.27 -4.81
N CYS C 29 3.62 -12.45 -4.75
CA CYS C 29 4.48 -11.84 -5.73
C CYS C 29 4.38 -12.46 -7.10
N LYS C 30 3.94 -13.71 -7.15
CA LYS C 30 3.74 -14.36 -8.43
C LYS C 30 2.66 -13.51 -9.08
N GLY C 31 1.52 -13.39 -8.40
CA GLY C 31 0.43 -12.61 -8.93
C GLY C 31 0.65 -11.12 -9.10
N PHE C 32 1.33 -10.50 -8.15
CA PHE C 32 1.57 -9.06 -8.28
C PHE C 32 2.34 -8.80 -9.58
N PHE C 33 3.23 -9.73 -9.88
CA PHE C 33 4.05 -9.59 -11.03
C PHE C 33 3.29 -9.82 -12.31
N ARG C 34 2.33 -10.72 -12.33
CA ARG C 34 1.66 -10.96 -13.58
C ARG C 34 0.72 -9.82 -13.83
N ARG C 35 -0.04 -9.46 -12.81
CA ARG C 35 -0.97 -8.36 -13.00
C ARG C 35 -0.22 -7.08 -13.38
N SER C 36 0.78 -6.73 -12.61
CA SER C 36 1.47 -5.51 -12.89
C SER C 36 1.99 -5.40 -14.31
N MET C 37 2.57 -6.46 -14.85
CA MET C 37 3.06 -6.38 -16.19
C MET C 37 1.92 -6.31 -17.18
N LYS C 38 1.00 -7.27 -17.14
CA LYS C 38 -0.13 -7.22 -18.07
C LYS C 38 -0.80 -5.83 -18.07
N ARG C 39 -1.21 -5.36 -16.89
CA ARG C 39 -1.87 -4.08 -16.72
C ARG C 39 -0.92 -2.94 -17.09
N LYS C 40 0.31 -3.25 -17.45
CA LYS C 40 1.33 -2.26 -17.81
C LYS C 40 1.51 -1.16 -16.77
N ALA C 41 1.13 -1.43 -15.54
CA ALA C 41 1.22 -0.41 -14.51
C ALA C 41 2.59 0.23 -14.43
N LEU C 42 2.58 1.51 -14.06
CA LEU C 42 3.76 2.35 -13.87
C LEU C 42 3.65 2.77 -12.42
N PHE C 43 4.62 2.39 -11.62
CA PHE C 43 4.57 2.71 -10.19
C PHE C 43 5.63 3.70 -9.83
N THR C 44 5.38 4.44 -8.76
CA THR C 44 6.33 5.45 -8.29
C THR C 44 6.57 5.35 -6.79
N CYS C 45 7.83 5.11 -6.38
CA CYS C 45 8.18 5.00 -4.98
C CYS C 45 7.89 6.31 -4.20
N PRO C 46 7.22 6.23 -3.05
CA PRO C 46 6.92 7.44 -2.26
C PRO C 46 8.07 7.89 -1.39
N PHE C 47 9.11 7.07 -1.35
CA PHE C 47 10.25 7.36 -0.51
C PHE C 47 11.53 7.65 -1.24
N ASN C 48 12.46 6.71 -1.18
CA ASN C 48 13.77 6.86 -1.79
C ASN C 48 14.14 5.93 -2.93
N GLY C 49 13.23 5.01 -3.30
CA GLY C 49 13.54 4.11 -4.42
C GLY C 49 14.34 2.88 -4.05
N ASP C 50 14.58 2.68 -2.77
CA ASP C 50 15.31 1.50 -2.35
C ASP C 50 14.68 0.88 -1.12
N CYS C 51 13.34 0.81 -1.15
CA CYS C 51 12.54 0.22 -0.07
C CYS C 51 12.95 -1.23 0.20
N ARG C 52 13.01 -1.57 1.48
CA ARG C 52 13.36 -2.93 1.92
C ARG C 52 12.09 -3.80 1.98
N ILE C 53 11.86 -4.57 0.92
CA ILE C 53 10.64 -5.35 0.86
C ILE C 53 10.55 -6.52 1.83
N THR C 54 9.44 -6.62 2.54
CA THR C 54 9.25 -7.74 3.46
C THR C 54 7.87 -8.35 3.31
N LYS C 55 7.74 -9.58 3.79
CA LYS C 55 6.46 -10.24 3.76
C LYS C 55 5.30 -9.32 4.23
N ASP C 56 5.57 -8.38 5.15
CA ASP C 56 4.50 -7.53 5.66
C ASP C 56 4.29 -6.16 5.04
N ASN C 57 5.34 -5.54 4.52
CA ASN C 57 5.18 -4.23 3.92
C ASN C 57 5.06 -4.20 2.41
N ARG C 58 5.23 -5.34 1.74
CA ARG C 58 5.22 -5.40 0.28
C ARG C 58 4.07 -4.72 -0.44
N ARG C 59 2.94 -4.51 0.21
CA ARG C 59 1.84 -3.84 -0.48
C ARG C 59 2.00 -2.33 -0.46
N HIS C 60 2.91 -1.85 0.39
CA HIS C 60 3.19 -0.42 0.56
C HIS C 60 4.02 0.18 -0.58
N CYS C 61 5.01 -0.52 -1.09
CA CYS C 61 5.68 0.10 -2.20
C CYS C 61 5.68 -0.78 -3.45
N GLN C 62 4.70 -0.55 -4.32
CA GLN C 62 4.64 -1.34 -5.55
C GLN C 62 5.82 -1.05 -6.47
N ALA C 63 6.21 0.22 -6.59
CA ALA C 63 7.34 0.54 -7.45
C ALA C 63 8.52 -0.32 -7.09
N CYS C 64 8.86 -0.36 -5.79
CA CYS C 64 10.01 -1.15 -5.35
C CYS C 64 9.78 -2.62 -5.46
N ARG C 65 8.57 -3.10 -5.12
CA ARG C 65 8.30 -4.53 -5.25
C ARG C 65 8.49 -5.00 -6.72
N LEU C 66 7.90 -4.24 -7.66
CA LEU C 66 7.96 -4.56 -9.09
C LEU C 66 9.37 -4.51 -9.61
N LYS C 67 10.08 -3.43 -9.30
CA LYS C 67 11.48 -3.33 -9.72
C LYS C 67 12.27 -4.52 -9.14
N ARG C 68 11.91 -4.96 -7.94
CA ARG C 68 12.59 -6.07 -7.32
C ARG C 68 12.37 -7.36 -8.11
N CYS C 69 11.12 -7.61 -8.51
CA CYS C 69 10.74 -8.80 -9.29
C CYS C 69 11.58 -8.91 -10.53
N VAL C 70 11.69 -7.79 -11.22
CA VAL C 70 12.46 -7.75 -12.45
C VAL C 70 13.93 -8.02 -12.13
N ASP C 71 14.45 -7.32 -11.12
CA ASP C 71 15.83 -7.51 -10.68
C ASP C 71 16.17 -8.93 -10.23
N ILE C 72 15.26 -9.70 -9.62
CA ILE C 72 15.70 -11.03 -9.25
C ILE C 72 15.55 -11.96 -10.41
N GLY C 73 15.10 -11.44 -11.54
CA GLY C 73 15.02 -12.28 -12.71
C GLY C 73 13.66 -12.67 -13.20
N MET C 74 12.57 -12.12 -12.64
CA MET C 74 11.25 -12.53 -13.14
C MET C 74 11.04 -12.01 -14.58
N MET C 75 10.41 -12.81 -15.43
CA MET C 75 10.24 -12.38 -16.85
C MET C 75 8.86 -12.38 -17.52
N LYS C 76 8.51 -11.22 -18.05
CA LYS C 76 7.19 -11.02 -18.67
C LYS C 76 6.88 -11.93 -19.79
N GLU C 77 7.93 -12.33 -20.52
CA GLU C 77 7.79 -13.24 -21.64
C GLU C 77 7.15 -14.58 -21.21
N PHE C 78 7.14 -14.87 -19.92
CA PHE C 78 6.56 -16.09 -19.46
C PHE C 78 5.06 -15.96 -19.18
N ILE C 79 4.57 -14.73 -19.14
CA ILE C 79 3.16 -14.46 -18.92
C ILE C 79 2.45 -14.74 -20.26
N LEU C 80 1.32 -15.43 -20.23
CA LEU C 80 0.60 -15.74 -21.45
C LEU C 80 -0.02 -14.46 -21.99
N THR C 81 -0.25 -14.38 -23.29
CA THR C 81 -0.92 -13.19 -23.85
C THR C 81 -2.39 -13.55 -23.80
N ASP C 82 -3.26 -12.60 -24.04
CA ASP C 82 -4.70 -12.89 -24.03
C ASP C 82 -5.07 -13.97 -25.05
N GLU C 83 -4.48 -13.86 -26.24
CA GLU C 83 -4.72 -14.80 -27.31
C GLU C 83 -4.22 -16.20 -26.93
N GLU C 84 -3.09 -16.28 -26.24
CA GLU C 84 -2.57 -17.57 -25.83
C GLU C 84 -3.54 -18.17 -24.81
N VAL C 85 -4.12 -17.32 -23.98
CA VAL C 85 -5.06 -17.77 -22.98
C VAL C 85 -6.30 -18.27 -23.69
N GLN C 86 -6.77 -17.48 -24.66
CA GLN C 86 -7.96 -17.82 -25.42
C GLN C 86 -7.76 -19.11 -26.17
N ARG C 87 -6.77 -19.15 -27.03
CA ARG C 87 -6.51 -20.37 -27.75
C ARG C 87 -6.47 -21.50 -26.72
N LYS C 88 -6.04 -21.21 -25.49
CA LYS C 88 -5.93 -22.24 -24.45
C LYS C 88 -7.25 -22.59 -23.80
N ARG C 89 -8.14 -21.61 -23.64
CA ARG C 89 -9.45 -21.90 -23.05
C ARG C 89 -10.14 -22.81 -24.05
N GLU C 90 -9.99 -22.49 -25.33
CA GLU C 90 -10.59 -23.27 -26.41
C GLU C 90 -10.14 -24.72 -26.38
N MET C 91 -8.92 -24.97 -25.93
CA MET C 91 -8.40 -26.34 -25.91
C MET C 91 -8.73 -27.17 -24.70
N ILE C 92 -9.08 -26.47 -23.63
CA ILE C 92 -9.48 -27.14 -22.41
C ILE C 92 -10.98 -27.32 -22.63
N LEU C 93 -11.62 -26.37 -23.33
CA LEU C 93 -13.06 -26.44 -23.63
C LEU C 93 -13.26 -27.11 -25.00
N LYS C 94 -12.48 -28.17 -25.22
CA LYS C 94 -12.51 -28.97 -26.43
C LYS C 94 -11.99 -30.30 -25.88
N ARG C 95 -12.03 -30.41 -24.56
CA ARG C 95 -11.60 -31.61 -23.83
C ARG C 95 -12.69 -32.09 -22.87
N ARG D 7 -9.23 -3.69 15.65
CA ARG D 7 -9.23 -3.33 17.10
C ARG D 7 -9.66 -1.89 17.39
N ILE D 8 -8.86 -1.25 18.24
CA ILE D 8 -9.09 0.11 18.66
C ILE D 8 -8.20 1.13 17.94
N CYS D 9 -8.81 2.25 17.61
CA CYS D 9 -8.13 3.33 16.89
C CYS D 9 -6.97 3.89 17.68
N GLY D 10 -5.79 3.80 17.08
CA GLY D 10 -4.59 4.31 17.72
C GLY D 10 -4.56 5.80 18.05
N VAL D 11 -5.52 6.57 17.59
CA VAL D 11 -5.49 7.98 17.90
C VAL D 11 -6.55 8.35 18.95
N CYS D 12 -7.80 8.02 18.68
CA CYS D 12 -8.84 8.41 19.62
C CYS D 12 -9.44 7.31 20.49
N GLY D 13 -9.07 6.06 20.24
CA GLY D 13 -9.60 4.97 21.02
C GLY D 13 -10.92 4.46 20.46
N ASP D 14 -11.44 5.14 19.45
CA ASP D 14 -12.69 4.75 18.83
C ASP D 14 -12.48 3.34 18.29
N ARG D 15 -13.53 2.70 17.78
CA ARG D 15 -13.31 1.37 17.25
C ARG D 15 -12.72 1.59 15.87
N ALA D 16 -11.52 1.05 15.68
CA ALA D 16 -10.82 1.16 14.41
C ALA D 16 -11.58 0.34 13.39
N THR D 17 -11.40 0.67 12.12
CA THR D 17 -12.10 -0.03 11.05
C THR D 17 -11.14 -0.88 10.22
N GLY D 18 -9.86 -0.82 10.55
CA GLY D 18 -8.84 -1.57 9.83
C GLY D 18 -7.64 -0.67 9.80
N PHE D 19 -6.62 -0.99 9.00
CA PHE D 19 -5.47 -0.12 8.89
C PHE D 19 -5.73 1.06 7.97
N HIS D 20 -5.07 2.17 8.25
CA HIS D 20 -5.24 3.34 7.40
C HIS D 20 -3.93 4.05 7.43
N PHE D 21 -3.38 4.30 6.25
CA PHE D 21 -2.08 4.94 6.14
C PHE D 21 -1.09 4.22 7.04
N ASN D 22 -1.25 2.90 7.15
CA ASN D 22 -0.37 2.06 7.93
C ASN D 22 -0.53 2.09 9.40
N ALA D 23 -1.73 2.38 9.90
CA ALA D 23 -1.99 2.42 11.35
C ALA D 23 -3.43 2.02 11.71
N MET D 24 -3.63 1.28 12.79
CA MET D 24 -5.00 0.91 13.13
C MET D 24 -5.81 2.18 13.55
N THR D 25 -6.83 2.52 12.80
CA THR D 25 -7.55 3.75 13.11
C THR D 25 -9.02 3.74 12.74
N CYS D 26 -9.79 4.55 13.44
CA CYS D 26 -11.22 4.72 13.19
C CYS D 26 -11.43 5.41 11.82
N GLU D 27 -12.67 5.45 11.33
CA GLU D 27 -12.94 6.08 10.05
C GLU D 27 -12.70 7.58 10.04
N GLY D 28 -13.07 8.26 11.12
CA GLY D 28 -12.84 9.72 11.17
C GLY D 28 -11.37 10.17 11.23
N CYS D 29 -10.55 9.51 12.07
CA CYS D 29 -9.12 9.85 12.15
C CYS D 29 -8.46 9.52 10.81
N LYS D 30 -8.97 8.52 10.13
CA LYS D 30 -8.48 8.19 8.82
C LYS D 30 -8.67 9.44 7.98
N GLY D 31 -9.90 9.92 7.91
CA GLY D 31 -10.15 11.09 7.09
C GLY D 31 -9.45 12.37 7.52
N PHE D 32 -9.40 12.56 8.83
CA PHE D 32 -8.77 13.75 9.35
C PHE D 32 -7.31 13.79 8.91
N PHE D 33 -6.65 12.63 8.94
CA PHE D 33 -5.26 12.59 8.57
C PHE D 33 -5.09 12.93 7.12
N ARG D 34 -5.79 12.20 6.28
CA ARG D 34 -5.67 12.45 4.86
C ARG D 34 -6.01 13.91 4.51
N ARG D 35 -7.07 14.45 5.09
CA ARG D 35 -7.43 15.83 4.74
C ARG D 35 -6.35 16.85 5.13
N SER D 36 -5.84 16.73 6.36
CA SER D 36 -4.81 17.63 6.85
C SER D 36 -3.58 17.67 5.94
N MET D 37 -2.99 16.51 5.74
CA MET D 37 -1.81 16.36 4.91
C MET D 37 -1.95 16.83 3.48
N LYS D 38 -3.14 16.71 2.89
CA LYS D 38 -3.39 17.13 1.50
C LYS D 38 -3.50 18.63 1.37
N ARG D 39 -3.54 19.29 2.53
CA ARG D 39 -3.63 20.74 2.60
C ARG D 39 -2.42 21.31 3.36
N LYS D 40 -1.52 20.41 3.75
CA LYS D 40 -0.30 20.75 4.51
C LYS D 40 -0.68 21.37 5.84
N ALA D 41 -1.96 21.72 5.96
CA ALA D 41 -2.51 22.33 7.16
C ALA D 41 -1.64 22.14 8.39
N LEU D 42 -1.16 23.25 8.92
CA LEU D 42 -0.35 23.27 10.14
C LEU D 42 -1.33 23.76 11.19
N PHE D 43 -1.34 23.12 12.34
CA PHE D 43 -2.26 23.51 13.40
C PHE D 43 -1.45 23.90 14.58
N THR D 44 -2.06 24.65 15.47
CA THR D 44 -1.39 25.05 16.69
C THR D 44 -2.35 24.58 17.77
N CYS D 45 -1.86 24.42 18.99
CA CYS D 45 -2.73 23.95 20.06
C CYS D 45 -3.21 25.06 21.04
N PRO D 46 -4.53 25.14 21.28
CA PRO D 46 -5.07 26.17 22.18
C PRO D 46 -4.78 26.03 23.69
N PHE D 47 -4.24 24.90 24.12
CA PHE D 47 -3.96 24.71 25.53
C PHE D 47 -2.48 24.49 25.71
N ASN D 48 -2.11 23.37 26.33
CA ASN D 48 -0.70 23.08 26.58
C ASN D 48 0.13 22.51 25.47
N GLY D 49 -0.21 21.32 25.01
CA GLY D 49 0.58 20.71 23.96
C GLY D 49 0.62 19.22 24.19
N ASP D 50 -0.43 18.73 24.83
CA ASP D 50 -0.55 17.33 25.13
C ASP D 50 -1.99 17.04 25.52
N CYS D 51 -2.95 17.38 24.67
CA CYS D 51 -4.32 17.07 25.03
C CYS D 51 -4.40 15.53 25.01
N ARG D 52 -5.19 14.94 25.90
CA ARG D 52 -5.37 13.49 25.86
C ARG D 52 -6.52 13.26 24.86
N ILE D 53 -6.21 12.76 23.65
CA ILE D 53 -7.24 12.54 22.61
C ILE D 53 -8.20 11.40 22.98
N THR D 54 -9.49 11.71 22.90
CA THR D 54 -10.54 10.77 23.25
C THR D 54 -11.54 10.70 22.10
N LYS D 55 -12.44 9.72 22.13
CA LYS D 55 -13.41 9.63 21.05
C LYS D 55 -14.28 10.88 20.96
N ASP D 56 -14.66 11.40 22.13
CA ASP D 56 -15.53 12.57 22.23
C ASP D 56 -14.97 13.91 21.82
N ASN D 57 -14.01 14.41 22.59
CA ASN D 57 -13.41 15.69 22.27
C ASN D 57 -12.80 15.61 20.86
N ARG D 58 -11.94 14.62 20.68
CA ARG D 58 -11.27 14.33 19.43
C ARG D 58 -11.09 15.50 18.46
N ARG D 59 -12.17 16.22 18.15
CA ARG D 59 -12.07 17.30 17.20
C ARG D 59 -11.79 18.68 17.73
N HIS D 60 -11.55 18.80 19.04
CA HIS D 60 -11.32 20.12 19.64
C HIS D 60 -9.87 20.59 19.52
N CYS D 61 -8.97 19.65 19.24
CA CYS D 61 -7.56 19.98 19.05
C CYS D 61 -6.99 19.29 17.80
N GLN D 62 -6.88 20.07 16.73
CA GLN D 62 -6.34 19.61 15.47
C GLN D 62 -4.84 19.37 15.59
N ALA D 63 -4.09 20.33 16.13
CA ALA D 63 -2.65 20.17 16.25
C ALA D 63 -2.25 18.89 17.00
N CYS D 64 -2.80 18.69 18.19
CA CYS D 64 -2.48 17.50 18.98
C CYS D 64 -2.91 16.20 18.35
N ARG D 65 -4.02 16.21 17.65
CA ARG D 65 -4.52 15.02 17.01
C ARG D 65 -3.59 14.61 15.88
N LEU D 66 -3.31 15.56 14.98
CA LEU D 66 -2.45 15.29 13.84
C LEU D 66 -1.10 14.84 14.36
N LYS D 67 -0.66 15.41 15.47
CA LYS D 67 0.62 14.98 16.03
C LYS D 67 0.48 13.49 16.36
N ARG D 68 -0.35 13.17 17.35
CA ARG D 68 -0.57 11.78 17.74
C ARG D 68 -0.73 10.87 16.53
N CYS D 69 -1.42 11.31 15.49
CA CYS D 69 -1.56 10.52 14.29
C CYS D 69 -0.17 10.07 13.83
N VAL D 70 0.71 11.03 13.59
CA VAL D 70 2.07 10.71 13.16
C VAL D 70 2.87 9.94 14.21
N ASP D 71 2.65 10.23 15.49
CA ASP D 71 3.35 9.55 16.56
C ASP D 71 3.01 8.03 16.58
N ILE D 72 1.96 7.61 15.89
CA ILE D 72 1.65 6.18 15.89
C ILE D 72 1.82 5.48 14.52
N GLY D 73 2.44 6.14 13.56
CA GLY D 73 2.66 5.48 12.29
C GLY D 73 2.04 6.01 11.03
N MET D 74 0.93 6.72 11.11
CA MET D 74 0.31 7.20 9.89
C MET D 74 1.22 7.94 8.92
N MET D 75 1.39 7.37 7.74
CA MET D 75 2.27 8.04 6.83
C MET D 75 1.71 8.82 5.67
N LYS D 76 2.01 10.11 5.66
CA LYS D 76 1.52 10.96 4.60
C LYS D 76 1.91 10.36 3.24
N GLU D 77 2.96 9.52 3.17
CA GLU D 77 3.39 8.94 1.88
C GLU D 77 2.40 7.97 1.26
N PHE D 78 1.59 7.35 2.09
CA PHE D 78 0.60 6.43 1.60
C PHE D 78 -0.63 7.15 1.02
N ILE D 79 -0.66 8.49 1.08
CA ILE D 79 -1.79 9.26 0.54
C ILE D 79 -1.61 9.38 -0.96
N LEU D 80 -2.66 9.19 -1.72
CA LEU D 80 -2.48 9.25 -3.15
C LEU D 80 -2.23 10.67 -3.62
N THR D 81 -1.16 10.80 -4.41
CA THR D 81 -0.69 12.06 -4.97
C THR D 81 -1.69 12.65 -5.97
N ASP D 82 -1.83 13.96 -5.98
CA ASP D 82 -2.76 14.58 -6.90
C ASP D 82 -2.64 13.92 -8.27
N GLU D 83 -1.41 13.58 -8.64
CA GLU D 83 -1.15 12.93 -9.92
C GLU D 83 -1.79 11.55 -9.98
N GLU D 84 -1.44 10.69 -9.03
CA GLU D 84 -1.98 9.33 -8.99
C GLU D 84 -3.49 9.33 -8.81
N VAL D 85 -3.97 10.22 -7.95
CA VAL D 85 -5.41 10.33 -7.69
C VAL D 85 -6.11 10.67 -8.98
N GLN D 86 -5.33 11.22 -9.92
CA GLN D 86 -5.85 11.59 -11.21
C GLN D 86 -5.72 10.47 -12.23
N ARG D 87 -4.48 10.17 -12.62
CA ARG D 87 -4.23 9.12 -13.59
C ARG D 87 -5.28 8.05 -13.40
N LYS D 88 -5.41 7.61 -12.14
CA LYS D 88 -6.35 6.58 -11.73
C LYS D 88 -7.80 7.03 -11.85
N ARG D 89 -8.09 8.27 -11.47
CA ARG D 89 -9.45 8.81 -11.53
C ARG D 89 -10.12 8.75 -12.91
N GLU D 90 -9.36 8.34 -13.94
CA GLU D 90 -9.91 8.23 -15.30
C GLU D 90 -10.88 7.02 -15.37
N MET D 91 -10.33 5.82 -15.55
CA MET D 91 -11.12 4.59 -15.62
C MET D 91 -11.92 4.40 -14.34
ZN ZN E . 6.97 -12.52 -2.30
ZN ZN F . 9.84 2.08 -2.61
ZN ZN G . -9.70 7.74 15.71
ZN ZN H . -3.53 20.39 22.07
#